data_3WF7
#
_entry.id   3WF7
#
_cell.length_a   69.438
_cell.length_b   69.438
_cell.length_c   145.649
_cell.angle_alpha   90.00
_cell.angle_beta   90.00
_cell.angle_gamma   90.00
#
_symmetry.space_group_name_H-M   'P 41 21 2'
#
loop_
_entity.id
_entity.type
_entity.pdbx_description
1 polymer 'Ribosomal protein S6 kinase beta-1'
2 non-polymer 'ZINC ION'
3 non-polymer 1-(9H-purin-6-yl)-N-[3-(trifluoromethyl)phenyl]piperidine-4-carboxamide
4 non-polymer GLYCEROL
5 water water
#
_entity_poly.entity_id   1
_entity_poly.type   'polypeptide(L)'
_entity_poly.pdbx_seq_one_letter_code
;GSFTSSGSVNRGPEKIRPECFELLRVLGKGGYGKVFQVRKVTGANTGKIFAMKVLKKAMIVRNAKDTAHTKAERNILEEV
KHPFIVDLIYAFQTGGKLYLILEYLSGGELFMQLEREGIFMEDTACFYLAEISMALGHLHQKGIIYRDLKPENIMLNHQG
HVKLTDFGLCKESIHDGTVTH(TPO)FCGTIEYMAPEILMRSGHNRAVDWWSLGALMYDMLTGAPPFTGENRKKTIDKIL
KCKLNLPPYLTQEARDLLKKLLKRNAASRLGAGPGDAGEVQAHPFFRHINWEELLARKVEPPFKPLLQSEEDVSQFDSKF
TRQTPVDSPDDST
;
_entity_poly.pdbx_strand_id   A
#
# COMPACT_ATOMS: atom_id res chain seq x y z
N PRO A 13 25.51 23.18 8.62
CA PRO A 13 24.67 22.33 7.76
C PRO A 13 25.26 20.92 7.58
N GLU A 14 24.41 19.91 7.67
CA GLU A 14 24.89 18.53 7.59
C GLU A 14 24.94 18.03 6.15
N LYS A 15 26.12 17.59 5.74
CA LYS A 15 26.31 17.04 4.40
C LYS A 15 25.99 15.55 4.37
N ILE A 16 24.86 15.20 3.79
CA ILE A 16 24.46 13.80 3.70
C ILE A 16 25.12 13.11 2.51
N ARG A 17 25.77 11.99 2.79
CA ARG A 17 26.47 11.20 1.79
C ARG A 17 26.07 9.76 1.98
N PRO A 18 26.30 8.91 0.97
CA PRO A 18 26.04 7.48 1.21
C PRO A 18 26.89 6.94 2.36
N GLU A 19 28.06 7.54 2.58
CA GLU A 19 28.96 7.10 3.64
C GLU A 19 28.44 7.41 5.05
N CYS A 20 27.32 8.14 5.13
CA CYS A 20 26.71 8.45 6.43
C CYS A 20 25.96 7.25 6.99
N PHE A 21 25.82 6.20 6.18
CA PHE A 21 25.00 5.06 6.53
C PHE A 21 25.79 3.76 6.46
N GLU A 22 25.77 2.98 7.52
CA GLU A 22 26.35 1.66 7.40
C GLU A 22 25.28 0.65 7.04
N LEU A 23 25.63 -0.29 6.16
CA LEU A 23 24.70 -1.29 5.68
C LEU A 23 24.56 -2.42 6.69
N LEU A 24 23.32 -2.82 7.01
CA LEU A 24 23.11 -3.88 7.99
C LEU A 24 22.56 -5.15 7.33
N ARG A 25 21.54 -5.03 6.48
CA ARG A 25 21.12 -6.19 5.73
C ARG A 25 20.33 -5.77 4.51
N VAL A 26 20.16 -6.71 3.58
CA VAL A 26 19.43 -6.44 2.36
C VAL A 26 17.95 -6.73 2.57
N LEU A 27 17.10 -5.76 2.26
CA LEU A 27 15.66 -5.91 2.40
C LEU A 27 14.98 -6.23 1.08
N GLY A 28 15.65 -5.91 -0.02
CA GLY A 28 15.08 -6.16 -1.33
C GLY A 28 16.05 -5.84 -2.42
N LYS A 29 15.81 -6.42 -3.59
CA LYS A 29 16.69 -6.25 -4.74
C LYS A 29 15.87 -6.46 -6.00
N GLY A 30 16.12 -5.64 -7.01
CA GLY A 30 15.43 -5.74 -8.29
C GLY A 30 16.19 -5.04 -9.40
N GLY A 31 15.55 -4.90 -10.56
CA GLY A 31 16.17 -4.24 -11.69
C GLY A 31 16.51 -2.79 -11.47
N TYR A 32 15.61 -2.05 -10.83
CA TYR A 32 15.82 -0.63 -10.56
C TYR A 32 16.90 -0.38 -9.51
N GLY A 33 17.09 -1.33 -8.61
CA GLY A 33 18.01 -1.10 -7.52
C GLY A 33 17.85 -2.04 -6.36
N LYS A 34 18.06 -1.52 -5.17
CA LYS A 34 18.24 -2.36 -3.99
C LYS A 34 17.84 -1.62 -2.73
N VAL A 35 17.31 -2.35 -1.74
CA VAL A 35 16.92 -1.72 -0.47
C VAL A 35 17.67 -2.34 0.69
N PHE A 36 18.25 -1.49 1.53
CA PHE A 36 19.05 -1.92 2.70
C PHE A 36 18.42 -1.44 3.99
N GLN A 37 18.56 -2.25 5.03
CA GLN A 37 18.43 -1.74 6.38
C GLN A 37 19.77 -1.11 6.76
N VAL A 38 19.75 0.13 7.28
CA VAL A 38 20.99 0.84 7.52
C VAL A 38 21.00 1.52 8.87
N ARG A 39 22.20 1.85 9.35
CA ARG A 39 22.37 2.65 10.55
C ARG A 39 23.06 3.96 10.19
N LYS A 40 22.50 5.08 10.62
CA LYS A 40 23.17 6.36 10.41
C LYS A 40 24.32 6.48 11.40
N VAL A 41 25.53 6.78 10.93
CA VAL A 41 26.67 6.75 11.84
C VAL A 41 27.31 8.11 12.06
N THR A 42 26.62 9.17 11.64
CA THR A 42 27.11 10.51 11.86
C THR A 42 25.94 11.49 11.87
N GLY A 43 26.15 12.68 12.42
CA GLY A 43 25.07 13.67 12.45
C GLY A 43 24.08 13.46 13.58
N ALA A 44 22.98 14.22 13.53
CA ALA A 44 22.02 14.28 14.63
C ALA A 44 21.47 12.92 15.04
N ASN A 45 21.04 12.14 14.06
CA ASN A 45 20.40 10.86 14.33
C ASN A 45 21.39 9.72 14.32
N THR A 46 22.59 9.96 14.84
CA THR A 46 23.60 8.91 14.94
C THR A 46 23.03 7.73 15.70
N GLY A 47 23.15 6.55 15.10
CA GLY A 47 22.66 5.32 15.72
C GLY A 47 21.28 4.91 15.26
N LYS A 48 20.53 5.82 14.67
CA LYS A 48 19.19 5.45 14.28
C LYS A 48 19.19 4.56 13.07
N ILE A 49 18.19 3.69 13.00
CA ILE A 49 18.07 2.70 11.94
C ILE A 49 17.05 3.19 10.91
N PHE A 50 17.38 3.02 9.63
CA PHE A 50 16.52 3.48 8.54
C PHE A 50 16.43 2.42 7.47
N ALA A 51 15.49 2.59 6.53
CA ALA A 51 15.51 1.82 5.30
C ALA A 51 16.08 2.72 4.21
N MET A 52 17.03 2.19 3.44
CA MET A 52 17.66 2.97 2.38
C MET A 52 17.47 2.31 1.04
N LYS A 53 16.76 2.97 0.14
CA LYS A 53 16.65 2.50 -1.24
C LYS A 53 17.69 3.15 -2.13
N VAL A 54 18.35 2.36 -2.95
CA VAL A 54 19.37 2.86 -3.85
C VAL A 54 18.99 2.51 -5.28
N LEU A 55 18.53 3.52 -6.03
CA LEU A 55 18.05 3.32 -7.39
C LEU A 55 19.06 3.75 -8.44
N LYS A 56 19.21 2.94 -9.47
CA LYS A 56 20.13 3.25 -10.55
C LYS A 56 19.45 4.21 -11.53
N LYS A 57 19.87 5.47 -11.53
CA LYS A 57 19.28 6.47 -12.42
C LYS A 57 19.35 6.04 -13.89
N ALA A 58 20.40 5.32 -14.25
CA ALA A 58 20.53 4.81 -15.62
C ALA A 58 19.36 3.88 -15.97
N MET A 59 18.95 3.08 -15.00
CA MET A 59 17.83 2.16 -15.16
C MET A 59 16.48 2.88 -15.18
N ILE A 60 16.38 3.97 -14.42
CA ILE A 60 15.15 4.75 -14.33
C ILE A 60 14.80 5.39 -15.67
N VAL A 61 15.78 5.98 -16.33
CA VAL A 61 15.57 6.61 -17.62
C VAL A 61 15.10 5.58 -18.65
N ARG A 62 15.71 4.40 -18.62
CA ARG A 62 15.35 3.31 -19.52
C ARG A 62 13.91 2.86 -19.28
N ASN A 63 13.70 2.12 -18.20
CA ASN A 63 12.37 1.65 -17.83
C ASN A 63 11.57 2.75 -17.16
N ALA A 64 10.54 3.25 -17.83
CA ALA A 64 9.76 4.35 -17.28
C ALA A 64 8.40 4.46 -17.94
N LYS A 65 7.54 5.27 -17.34
CA LYS A 65 6.27 5.66 -17.95
C LYS A 65 6.23 7.17 -18.04
N ASP A 66 6.51 7.81 -16.90
CA ASP A 66 6.53 9.27 -16.79
C ASP A 66 7.28 9.65 -15.53
N THR A 67 8.56 9.98 -15.65
CA THR A 67 9.38 10.26 -14.47
C THR A 67 8.85 11.46 -13.71
N ALA A 68 8.33 12.45 -14.45
CA ALA A 68 7.74 13.63 -13.82
C ALA A 68 6.61 13.21 -12.86
N HIS A 69 5.85 12.20 -13.24
CA HIS A 69 4.75 11.72 -12.41
C HIS A 69 5.29 11.14 -11.11
N THR A 70 6.14 10.13 -11.23
CA THR A 70 6.69 9.44 -10.06
C THR A 70 7.51 10.39 -9.19
N LYS A 71 8.18 11.36 -9.82
CA LYS A 71 8.93 12.38 -9.08
C LYS A 71 8.00 13.26 -8.25
N ALA A 72 6.88 13.67 -8.85
CA ALA A 72 5.91 14.50 -8.17
C ALA A 72 5.30 13.76 -6.99
N GLU A 73 5.05 12.47 -7.19
CA GLU A 73 4.50 11.62 -6.14
C GLU A 73 5.45 11.55 -4.95
N ARG A 74 6.74 11.36 -5.21
CA ARG A 74 7.73 11.33 -4.14
C ARG A 74 7.92 12.71 -3.52
N ASN A 75 7.80 13.78 -4.32
CA ASN A 75 7.86 15.13 -3.78
C ASN A 75 6.80 15.37 -2.72
N ILE A 76 5.57 14.96 -3.02
CA ILE A 76 4.48 15.06 -2.07
C ILE A 76 4.71 14.12 -0.90
N LEU A 77 5.07 12.88 -1.21
CA LEU A 77 5.30 11.87 -0.18
C LEU A 77 6.30 12.34 0.88
N GLU A 78 7.34 13.03 0.45
CA GLU A 78 8.37 13.49 1.37
C GLU A 78 7.80 14.43 2.44
N GLU A 79 6.74 15.14 2.09
CA GLU A 79 6.17 16.13 2.98
C GLU A 79 5.03 15.58 3.83
N VAL A 80 4.53 14.41 3.47
CA VAL A 80 3.39 13.82 4.18
C VAL A 80 3.72 13.43 5.63
N LYS A 81 2.87 13.86 6.54
CA LYS A 81 2.94 13.43 7.93
C LYS A 81 1.64 12.74 8.29
N HIS A 82 1.70 11.43 8.52
CA HIS A 82 0.50 10.64 8.82
C HIS A 82 0.95 9.34 9.46
N PRO A 83 0.22 8.89 10.50
CA PRO A 83 0.66 7.67 11.18
C PRO A 83 0.58 6.42 10.30
N PHE A 84 -0.25 6.41 9.27
CA PHE A 84 -0.42 5.18 8.50
C PHE A 84 0.19 5.25 7.10
N ILE A 85 1.06 6.22 6.89
CA ILE A 85 1.83 6.34 5.65
C ILE A 85 3.33 6.39 5.95
N VAL A 86 4.14 5.67 5.19
CA VAL A 86 5.59 5.63 5.44
C VAL A 86 6.20 7.03 5.42
N ASP A 87 7.19 7.26 6.28
CA ASP A 87 7.90 8.52 6.28
C ASP A 87 9.08 8.44 5.31
N LEU A 88 9.02 9.21 4.24
CA LEU A 88 10.16 9.38 3.36
C LEU A 88 10.95 10.54 3.90
N ILE A 89 12.08 10.25 4.53
CA ILE A 89 12.80 11.24 5.34
C ILE A 89 13.74 12.12 4.52
N TYR A 90 14.81 11.53 3.99
CA TYR A 90 15.72 12.25 3.11
C TYR A 90 15.63 11.67 1.70
N ALA A 91 15.92 12.47 0.69
CA ALA A 91 16.14 11.97 -0.65
C ALA A 91 17.28 12.74 -1.31
N PHE A 92 18.30 12.04 -1.79
CA PHE A 92 19.42 12.70 -2.45
C PHE A 92 20.00 11.89 -3.61
N GLN A 93 20.72 12.57 -4.50
CA GLN A 93 21.31 11.95 -5.68
C GLN A 93 22.79 12.23 -5.78
N THR A 94 23.61 11.19 -5.65
CA THR A 94 25.05 11.30 -5.91
C THR A 94 25.50 10.08 -6.69
N GLY A 95 26.60 10.21 -7.40
CA GLY A 95 27.01 9.18 -8.34
C GLY A 95 25.92 9.13 -9.40
N GLY A 96 25.64 7.92 -9.90
CA GLY A 96 24.54 7.77 -10.82
C GLY A 96 23.35 7.18 -10.11
N LYS A 97 23.23 7.42 -8.81
CA LYS A 97 22.20 6.78 -8.00
C LYS A 97 21.29 7.75 -7.26
N LEU A 98 20.04 7.33 -7.08
CA LEU A 98 19.09 8.04 -6.24
C LEU A 98 18.91 7.32 -4.91
N TYR A 99 19.18 8.03 -3.83
CA TYR A 99 19.06 7.49 -2.48
C TYR A 99 17.80 8.00 -1.79
N LEU A 100 16.96 7.08 -1.35
CA LEU A 100 15.79 7.44 -0.56
C LEU A 100 15.95 6.90 0.84
N ILE A 101 15.91 7.77 1.83
CA ILE A 101 16.03 7.34 3.23
C ILE A 101 14.65 7.39 3.89
N LEU A 102 14.16 6.22 4.29
CA LEU A 102 12.82 6.09 4.87
C LEU A 102 12.90 5.57 6.29
N GLU A 103 11.83 5.75 7.06
CA GLU A 103 11.76 5.08 8.36
C GLU A 103 11.86 3.58 8.15
N TYR A 104 12.53 2.91 9.07
CA TYR A 104 12.62 1.47 9.05
C TYR A 104 11.37 0.87 9.68
N LEU A 105 10.81 -0.13 9.03
CA LEU A 105 9.58 -0.79 9.49
C LEU A 105 9.86 -2.25 9.76
N SER A 106 9.70 -2.67 11.00
CA SER A 106 10.15 -4.01 11.40
C SER A 106 9.03 -5.04 11.44
N GLY A 107 7.79 -4.63 11.17
CA GLY A 107 6.67 -5.51 11.37
C GLY A 107 6.33 -6.43 10.21
N GLY A 108 7.05 -6.32 9.10
CA GLY A 108 6.81 -7.18 7.96
C GLY A 108 5.63 -6.69 7.11
N GLU A 109 5.25 -7.50 6.13
CA GLU A 109 4.14 -7.21 5.25
C GLU A 109 2.83 -7.73 5.79
N LEU A 110 1.74 -7.08 5.43
CA LEU A 110 0.43 -7.60 5.76
C LEU A 110 0.21 -8.97 5.12
N PHE A 111 0.80 -9.16 3.94
CA PHE A 111 0.85 -10.45 3.25
C PHE A 111 1.27 -11.60 4.17
N MET A 112 2.29 -11.36 4.99
CA MET A 112 2.84 -12.41 5.84
C MET A 112 1.80 -12.80 6.90
N GLN A 113 1.08 -11.82 7.44
CA GLN A 113 0.01 -12.08 8.41
C GLN A 113 -1.11 -12.91 7.80
N LEU A 114 -1.50 -12.58 6.58
CA LEU A 114 -2.53 -13.35 5.88
C LEU A 114 -2.09 -14.78 5.60
N GLU A 115 -0.83 -14.95 5.21
CA GLU A 115 -0.29 -16.28 4.96
C GLU A 115 -0.37 -17.10 6.23
N ARG A 116 -0.01 -16.48 7.35
CA ARG A 116 -0.03 -17.19 8.63
C ARG A 116 -1.45 -17.53 9.05
N GLU A 117 -2.35 -16.57 8.94
CA GLU A 117 -3.69 -16.71 9.51
C GLU A 117 -4.65 -17.45 8.57
N GLY A 118 -4.32 -17.49 7.29
CA GLY A 118 -5.18 -18.13 6.30
C GLY A 118 -6.29 -17.19 5.89
N ILE A 119 -7.20 -16.93 6.81
CA ILE A 119 -8.16 -15.83 6.67
C ILE A 119 -8.26 -15.09 8.00
N PHE A 120 -8.66 -13.82 7.92
CA PHE A 120 -8.80 -12.97 9.11
C PHE A 120 -10.20 -13.09 9.69
N MET A 121 -10.32 -13.05 11.02
CA MET A 121 -11.61 -12.75 11.62
C MET A 121 -12.07 -11.40 11.12
N GLU A 122 -13.37 -11.15 11.11
CA GLU A 122 -13.86 -9.89 10.57
C GLU A 122 -13.34 -8.69 11.37
N ASP A 123 -13.25 -8.83 12.70
CA ASP A 123 -12.71 -7.76 13.55
C ASP A 123 -11.26 -7.43 13.22
N THR A 124 -10.48 -8.46 12.89
CA THR A 124 -9.10 -8.26 12.45
C THR A 124 -9.02 -7.51 11.14
N ALA A 125 -9.73 -8.01 10.13
CA ALA A 125 -9.82 -7.32 8.85
C ALA A 125 -10.28 -5.87 9.05
N CYS A 126 -11.28 -5.69 9.89
CA CYS A 126 -11.85 -4.37 10.11
C CYS A 126 -10.77 -3.39 10.59
N PHE A 127 -9.96 -3.82 11.56
CA PHE A 127 -8.88 -2.99 12.08
C PHE A 127 -7.95 -2.51 10.96
N TYR A 128 -7.42 -3.42 10.17
CA TYR A 128 -6.47 -3.05 9.12
C TYR A 128 -7.13 -2.18 8.07
N LEU A 129 -8.31 -2.58 7.64
CA LEU A 129 -9.01 -1.81 6.59
C LEU A 129 -9.33 -0.39 7.06
N ALA A 130 -9.70 -0.27 8.33
CA ALA A 130 -9.97 1.05 8.90
C ALA A 130 -8.73 1.94 8.85
N GLU A 131 -7.57 1.43 9.31
CA GLU A 131 -6.36 2.25 9.29
C GLU A 131 -5.96 2.60 7.85
N ILE A 132 -6.04 1.61 6.96
CA ILE A 132 -5.77 1.86 5.54
C ILE A 132 -6.68 2.97 4.97
N SER A 133 -7.96 2.97 5.36
CA SER A 133 -8.89 3.97 4.80
C SER A 133 -8.46 5.38 5.18
N MET A 134 -7.91 5.53 6.39
CA MET A 134 -7.45 6.86 6.82
C MET A 134 -6.21 7.27 6.01
N ALA A 135 -5.29 6.33 5.78
CA ALA A 135 -4.13 6.63 4.95
C ALA A 135 -4.58 7.05 3.55
N LEU A 136 -5.52 6.30 2.98
CA LEU A 136 -6.03 6.63 1.63
C LEU A 136 -6.71 8.00 1.60
N GLY A 137 -7.53 8.30 2.61
CA GLY A 137 -8.18 9.60 2.68
C GLY A 137 -7.17 10.74 2.67
N HIS A 138 -6.08 10.55 3.41
CA HIS A 138 -5.04 11.57 3.49
C HIS A 138 -4.29 11.69 2.16
N LEU A 139 -3.94 10.55 1.57
CA LEU A 139 -3.25 10.54 0.28
C LEU A 139 -4.04 11.30 -0.77
N HIS A 140 -5.34 11.03 -0.85
CA HIS A 140 -6.18 11.67 -1.86
C HIS A 140 -6.21 13.19 -1.66
N GLN A 141 -6.30 13.60 -0.39
CA GLN A 141 -6.25 15.02 -0.06
C GLN A 141 -4.96 15.67 -0.55
N LYS A 142 -3.87 14.91 -0.52
CA LYS A 142 -2.56 15.44 -0.89
C LYS A 142 -2.27 15.22 -2.38
N GLY A 143 -3.19 14.56 -3.07
CA GLY A 143 -3.09 14.37 -4.51
C GLY A 143 -2.45 13.09 -4.98
N ILE A 144 -2.38 12.08 -4.11
CA ILE A 144 -1.81 10.79 -4.48
C ILE A 144 -2.87 9.70 -4.60
N ILE A 145 -2.79 8.92 -5.66
CA ILE A 145 -3.60 7.71 -5.81
C ILE A 145 -2.70 6.50 -5.53
N TYR A 146 -3.13 5.59 -4.67
CA TYR A 146 -2.27 4.48 -4.26
C TYR A 146 -2.22 3.35 -5.28
N ARG A 147 -3.35 3.13 -5.95
CA ARG A 147 -3.50 2.16 -7.04
C ARG A 147 -3.61 0.70 -6.62
N ASP A 148 -2.73 0.23 -5.75
CA ASP A 148 -2.59 -1.21 -5.60
C ASP A 148 -2.42 -1.62 -4.14
N LEU A 149 -3.50 -2.10 -3.52
CA LEU A 149 -3.46 -2.49 -2.12
C LEU A 149 -3.28 -4.00 -1.93
N LYS A 150 -2.58 -4.65 -2.85
CA LYS A 150 -2.17 -6.02 -2.61
C LYS A 150 -1.43 -6.05 -1.27
N PRO A 151 -1.64 -7.11 -0.47
CA PRO A 151 -1.20 -7.10 0.94
C PRO A 151 0.32 -6.98 1.12
N GLU A 152 1.09 -7.27 0.08
CA GLU A 152 2.53 -7.03 0.11
C GLU A 152 2.84 -5.52 0.10
N ASN A 153 1.87 -4.70 -0.30
CA ASN A 153 2.10 -3.25 -0.36
C ASN A 153 1.70 -2.52 0.92
N ILE A 154 1.44 -3.28 1.97
CA ILE A 154 1.05 -2.70 3.24
C ILE A 154 1.98 -3.31 4.28
N MET A 155 2.77 -2.47 4.94
CA MET A 155 3.66 -2.99 5.97
C MET A 155 3.11 -2.66 7.34
N LEU A 156 3.71 -3.27 8.36
CA LEU A 156 3.35 -3.02 9.75
C LEU A 156 4.56 -2.42 10.45
N ASN A 157 4.35 -1.43 11.32
CA ASN A 157 5.45 -0.95 12.15
C ASN A 157 5.63 -1.90 13.34
N HIS A 158 6.55 -1.57 14.24
CA HIS A 158 6.89 -2.47 15.35
C HIS A 158 5.70 -2.78 16.26
N GLN A 159 4.71 -1.87 16.27
CA GLN A 159 3.50 -1.99 17.11
C GLN A 159 2.41 -2.85 16.47
N GLY A 160 2.49 -3.03 15.16
CA GLY A 160 1.44 -3.74 14.44
C GLY A 160 0.48 -2.82 13.71
N HIS A 161 0.80 -1.53 13.63
CA HIS A 161 -0.06 -0.59 12.90
C HIS A 161 0.39 -0.47 11.44
N VAL A 162 -0.57 -0.20 10.57
CA VAL A 162 -0.38 -0.11 9.13
C VAL A 162 0.56 1.02 8.71
N LYS A 163 1.40 0.76 7.70
CA LYS A 163 2.11 1.80 6.96
C LYS A 163 2.00 1.53 5.46
N LEU A 164 1.38 2.42 4.70
CA LEU A 164 1.42 2.27 3.24
C LEU A 164 2.79 2.64 2.76
N THR A 165 3.40 1.78 1.93
CA THR A 165 4.81 1.93 1.61
C THR A 165 5.19 1.93 0.14
N ASP A 166 4.25 1.59 -0.74
CA ASP A 166 4.56 1.41 -2.15
C ASP A 166 4.18 2.64 -2.98
N PHE A 167 5.16 3.48 -3.27
CA PHE A 167 4.94 4.70 -4.04
C PHE A 167 5.95 4.78 -5.16
N GLY A 168 5.65 5.59 -6.17
CA GLY A 168 6.63 5.89 -7.20
C GLY A 168 6.89 4.75 -8.18
N LEU A 169 8.16 4.44 -8.36
CA LEU A 169 8.59 3.49 -9.39
C LEU A 169 8.15 2.06 -9.07
N CYS A 170 8.05 1.23 -10.11
CA CYS A 170 7.64 -0.16 -9.96
C CYS A 170 8.73 -1.00 -9.27
N LYS A 171 8.39 -1.58 -8.13
CA LYS A 171 9.38 -2.30 -7.30
C LYS A 171 9.48 -3.79 -7.61
N GLU A 172 8.68 -4.27 -8.57
CA GLU A 172 8.69 -5.69 -8.93
C GLU A 172 10.05 -6.14 -9.45
N SER A 173 10.35 -7.42 -9.30
CA SER A 173 11.61 -7.98 -9.77
C SER A 173 11.46 -8.53 -11.18
N ILE A 174 10.29 -9.12 -11.47
CA ILE A 174 9.98 -9.61 -12.79
C ILE A 174 9.00 -8.66 -13.49
N HIS A 175 9.48 -7.96 -14.51
CA HIS A 175 8.71 -6.91 -15.16
C HIS A 175 7.70 -7.45 -16.19
N ASP A 176 7.43 -6.64 -17.21
CA ASP A 176 6.41 -6.98 -18.21
C ASP A 176 6.75 -6.35 -19.55
N THR A 180 6.10 0.65 -19.70
CA THR A 180 4.84 0.65 -18.96
C THR A 180 4.87 -0.45 -17.90
N HIS A 181 4.33 -0.16 -16.71
CA HIS A 181 4.49 -1.06 -15.57
C HIS A 181 3.21 -1.46 -14.87
N PHE A 183 1.24 -4.03 -15.55
CA PHE A 183 1.02 -5.48 -15.46
C PHE A 183 2.18 -6.23 -14.84
N CYS A 184 3.18 -5.50 -14.34
CA CYS A 184 4.24 -6.11 -13.56
C CYS A 184 3.69 -6.55 -12.20
N GLY A 185 3.95 -7.79 -11.82
CA GLY A 185 3.43 -8.30 -10.57
C GLY A 185 1.95 -8.59 -10.70
N THR A 186 1.31 -8.99 -9.61
CA THR A 186 -0.09 -9.38 -9.68
C THR A 186 -0.98 -8.17 -9.96
N ILE A 187 -1.99 -8.38 -10.79
CA ILE A 187 -2.96 -7.33 -11.07
C ILE A 187 -4.28 -7.61 -10.36
N GLU A 188 -4.28 -8.62 -9.49
CA GLU A 188 -5.52 -9.09 -8.89
C GLU A 188 -6.21 -8.07 -7.99
N TYR A 189 -5.50 -7.03 -7.56
CA TYR A 189 -6.12 -6.07 -6.67
C TYR A 189 -6.38 -4.73 -7.36
N MET A 190 -6.13 -4.67 -8.67
CA MET A 190 -6.28 -3.41 -9.41
C MET A 190 -7.61 -3.28 -10.15
N ALA A 191 -8.15 -2.07 -10.14
CA ALA A 191 -9.44 -1.78 -10.74
C ALA A 191 -9.48 -2.04 -12.25
N PRO A 192 -10.67 -2.36 -12.78
CA PRO A 192 -10.81 -2.63 -14.22
C PRO A 192 -10.28 -1.51 -15.09
N GLU A 193 -10.56 -0.26 -14.70
CA GLU A 193 -10.24 0.87 -15.56
C GLU A 193 -8.72 1.14 -15.59
N ILE A 194 -7.98 0.65 -14.60
CA ILE A 194 -6.53 0.71 -14.68
C ILE A 194 -6.04 -0.29 -15.73
N LEU A 195 -6.56 -1.51 -15.65
CA LEU A 195 -6.20 -2.56 -16.60
C LEU A 195 -6.60 -2.21 -18.03
N MET A 196 -7.71 -1.50 -18.17
CA MET A 196 -8.16 -1.14 -19.51
C MET A 196 -7.49 0.12 -20.01
N ARG A 197 -6.75 0.78 -19.10
CA ARG A 197 -6.08 2.04 -19.42
C ARG A 197 -7.08 3.03 -20.03
N SER A 198 -8.29 3.06 -19.47
CA SER A 198 -9.36 3.87 -20.02
C SER A 198 -9.53 5.19 -19.26
N GLY A 199 -8.64 5.43 -18.30
CA GLY A 199 -8.71 6.64 -17.50
C GLY A 199 -9.25 6.32 -16.12
N HIS A 200 -8.67 6.94 -15.09
CA HIS A 200 -9.06 6.61 -13.73
C HIS A 200 -8.77 7.74 -12.75
N ASN A 201 -9.30 7.61 -11.55
CA ASN A 201 -9.07 8.58 -10.49
C ASN A 201 -9.02 7.86 -9.16
N ARG A 202 -9.21 8.58 -8.07
CA ARG A 202 -9.07 7.99 -6.73
C ARG A 202 -10.03 6.82 -6.45
N ALA A 203 -11.07 6.67 -7.27
CA ALA A 203 -12.01 5.54 -7.09
C ALA A 203 -11.33 4.17 -7.22
N VAL A 204 -10.18 4.12 -7.88
CA VAL A 204 -9.49 2.85 -8.01
C VAL A 204 -9.02 2.35 -6.65
N ASP A 205 -8.80 3.27 -5.72
CA ASP A 205 -8.28 2.90 -4.40
C ASP A 205 -9.34 2.22 -3.57
N TRP A 206 -10.60 2.64 -3.74
CA TRP A 206 -11.69 2.03 -3.00
C TRP A 206 -12.02 0.65 -3.58
N TRP A 207 -11.91 0.51 -4.90
CA TRP A 207 -11.93 -0.84 -5.48
C TRP A 207 -10.88 -1.73 -4.82
N SER A 208 -9.64 -1.24 -4.76
CA SER A 208 -8.55 -2.09 -4.31
C SER A 208 -8.72 -2.44 -2.83
N LEU A 209 -9.24 -1.49 -2.05
CA LEU A 209 -9.55 -1.79 -0.65
C LEU A 209 -10.54 -2.96 -0.58
N GLY A 210 -11.54 -2.95 -1.46
CA GLY A 210 -12.48 -4.06 -1.55
C GLY A 210 -11.83 -5.37 -1.93
N ALA A 211 -10.90 -5.33 -2.88
CA ALA A 211 -10.24 -6.55 -3.29
C ALA A 211 -9.40 -7.11 -2.14
N LEU A 212 -8.72 -6.24 -1.42
CA LEU A 212 -7.93 -6.64 -0.24
C LEU A 212 -8.82 -7.22 0.86
N MET A 213 -9.93 -6.54 1.11
CA MET A 213 -10.92 -7.03 2.09
C MET A 213 -11.39 -8.44 1.77
N TYR A 214 -11.75 -8.64 0.51
CA TYR A 214 -12.19 -9.95 0.00
C TYR A 214 -11.12 -11.03 0.23
N ASP A 215 -9.87 -10.70 -0.05
CA ASP A 215 -8.74 -11.60 0.22
C ASP A 215 -8.62 -11.91 1.71
N MET A 216 -8.69 -10.87 2.53
CA MET A 216 -8.61 -11.06 3.99
C MET A 216 -9.65 -12.05 4.49
N LEU A 217 -10.86 -11.96 3.95
CA LEU A 217 -11.99 -12.67 4.54
C LEU A 217 -12.25 -14.03 3.91
N THR A 218 -11.76 -14.24 2.69
CA THR A 218 -12.07 -15.48 1.97
C THR A 218 -10.85 -16.29 1.61
N GLY A 219 -9.67 -15.67 1.64
CA GLY A 219 -8.44 -16.39 1.35
C GLY A 219 -7.84 -16.14 -0.03
N ALA A 220 -8.58 -15.45 -0.89
CA ALA A 220 -8.07 -15.12 -2.21
C ALA A 220 -8.74 -13.84 -2.68
N PRO A 221 -8.07 -13.05 -3.54
CA PRO A 221 -8.72 -11.88 -4.16
C PRO A 221 -9.96 -12.32 -4.96
N PRO A 222 -10.87 -11.37 -5.25
CA PRO A 222 -12.20 -11.66 -5.80
C PRO A 222 -12.19 -12.29 -7.19
N PHE A 223 -11.23 -11.93 -8.04
CA PHE A 223 -11.26 -12.34 -9.43
C PHE A 223 -9.94 -12.98 -9.82
N THR A 224 -9.93 -14.30 -9.87
CA THR A 224 -8.71 -15.06 -10.16
C THR A 224 -8.92 -15.97 -11.36
N GLY A 225 -7.90 -16.10 -12.18
CA GLY A 225 -7.99 -16.94 -13.35
C GLY A 225 -6.78 -17.87 -13.42
N GLU A 226 -6.89 -18.92 -14.23
CA GLU A 226 -5.82 -19.90 -14.37
C GLU A 226 -4.57 -19.27 -14.98
N ASN A 227 -4.77 -18.19 -15.74
CA ASN A 227 -3.65 -17.42 -16.26
C ASN A 227 -3.97 -15.94 -16.25
N ARG A 228 -3.02 -15.14 -16.71
CA ARG A 228 -3.15 -13.68 -16.73
C ARG A 228 -4.37 -13.22 -17.53
N LYS A 229 -4.52 -13.75 -18.75
CA LYS A 229 -5.61 -13.37 -19.63
C LYS A 229 -6.99 -13.62 -19.01
N LYS A 230 -7.15 -14.78 -18.38
CA LYS A 230 -8.43 -15.14 -17.78
C LYS A 230 -8.74 -14.28 -16.56
N THR A 231 -7.70 -13.96 -15.80
CA THR A 231 -7.82 -13.11 -14.63
C THR A 231 -8.33 -11.72 -15.01
N ILE A 232 -7.73 -11.16 -16.05
CA ILE A 232 -8.13 -9.83 -16.53
C ILE A 232 -9.60 -9.86 -16.95
N ASP A 233 -9.95 -10.87 -17.75
CA ASP A 233 -11.34 -11.06 -18.19
C ASP A 233 -12.31 -11.10 -17.02
N LYS A 234 -11.94 -11.78 -15.93
CA LYS A 234 -12.82 -11.85 -14.77
C LYS A 234 -12.92 -10.52 -14.03
N ILE A 235 -11.81 -9.79 -13.97
CA ILE A 235 -11.81 -8.50 -13.31
C ILE A 235 -12.73 -7.55 -14.09
N LEU A 236 -12.63 -7.62 -15.40
CA LEU A 236 -13.43 -6.71 -16.23
C LEU A 236 -14.91 -7.05 -16.14
N LYS A 237 -15.22 -8.34 -16.13
CA LYS A 237 -16.62 -8.78 -16.07
C LYS A 237 -17.20 -8.39 -14.72
N CYS A 238 -16.36 -8.45 -13.69
CA CYS A 238 -16.74 -8.04 -12.34
C CYS A 238 -18.06 -8.70 -11.91
N LYS A 239 -18.14 -10.02 -12.03
CA LYS A 239 -19.28 -10.77 -11.53
C LYS A 239 -18.99 -11.20 -10.10
N LEU A 240 -19.44 -10.40 -9.15
CA LEU A 240 -19.01 -10.59 -7.77
C LEU A 240 -19.73 -11.78 -7.14
N ASN A 241 -18.94 -12.70 -6.62
CA ASN A 241 -19.44 -13.85 -5.86
C ASN A 241 -19.35 -13.58 -4.36
N LEU A 242 -20.49 -13.43 -3.71
CA LEU A 242 -20.51 -13.12 -2.29
C LEU A 242 -20.68 -14.37 -1.46
N PRO A 243 -19.67 -14.69 -0.64
CA PRO A 243 -19.71 -15.88 0.20
C PRO A 243 -20.81 -15.79 1.25
N PRO A 244 -21.64 -16.84 1.35
CA PRO A 244 -22.77 -16.91 2.28
C PRO A 244 -22.36 -16.84 3.74
N TYR A 245 -21.07 -17.06 4.03
CA TYR A 245 -20.61 -17.18 5.41
CA TYR A 245 -20.63 -17.17 5.42
C TYR A 245 -20.04 -15.89 5.99
N LEU A 246 -20.04 -14.82 5.19
CA LEU A 246 -19.62 -13.52 5.71
C LEU A 246 -20.83 -12.74 6.24
N THR A 247 -20.60 -11.78 7.13
CA THR A 247 -21.73 -11.04 7.71
C THR A 247 -22.44 -10.19 6.67
N GLN A 248 -23.63 -9.71 7.00
CA GLN A 248 -24.38 -8.84 6.10
C GLN A 248 -23.60 -7.54 5.86
N GLU A 249 -22.92 -7.05 6.90
CA GLU A 249 -22.17 -5.79 6.79
C GLU A 249 -20.95 -5.94 5.87
N ALA A 250 -20.22 -7.05 6.01
CA ALA A 250 -19.08 -7.32 5.14
C ALA A 250 -19.52 -7.44 3.68
N ARG A 251 -20.60 -8.19 3.44
CA ARG A 251 -21.06 -8.37 2.06
C ARG A 251 -21.54 -7.06 1.47
N ASP A 252 -22.18 -6.23 2.29
CA ASP A 252 -22.70 -4.96 1.77
C ASP A 252 -21.56 -4.02 1.39
N LEU A 253 -20.53 -3.96 2.22
CA LEU A 253 -19.39 -3.11 1.92
C LEU A 253 -18.68 -3.60 0.68
N LEU A 254 -18.46 -4.90 0.60
CA LEU A 254 -17.79 -5.50 -0.55
C LEU A 254 -18.55 -5.19 -1.85
N LYS A 255 -19.88 -5.30 -1.83
CA LYS A 255 -20.62 -5.04 -3.06
C LYS A 255 -20.63 -3.55 -3.42
N LYS A 256 -20.37 -2.69 -2.44
CA LYS A 256 -20.33 -1.27 -2.71
C LYS A 256 -18.96 -0.79 -3.19
N LEU A 257 -17.93 -1.59 -2.95
CA LEU A 257 -16.57 -1.25 -3.35
C LEU A 257 -16.20 -1.87 -4.69
N LEU A 258 -16.57 -3.13 -4.87
CA LEU A 258 -16.18 -3.89 -6.06
C LEU A 258 -17.23 -3.75 -7.14
N LYS A 259 -17.31 -2.54 -7.68
CA LYS A 259 -18.24 -2.22 -8.76
C LYS A 259 -17.50 -1.78 -9.99
N ARG A 260 -17.95 -2.25 -11.15
CA ARG A 260 -17.37 -1.82 -12.40
C ARG A 260 -17.51 -0.31 -12.64
N ASN A 261 -18.69 0.23 -12.35
CA ASN A 261 -18.91 1.69 -12.47
C ASN A 261 -18.12 2.40 -11.38
N ALA A 262 -16.95 2.93 -11.72
CA ALA A 262 -16.06 3.55 -10.73
C ALA A 262 -16.74 4.67 -9.95
N ALA A 263 -17.45 5.54 -10.68
CA ALA A 263 -18.14 6.68 -10.09
C ALA A 263 -19.12 6.28 -8.98
N SER A 264 -19.64 5.05 -9.06
CA SER A 264 -20.67 4.62 -8.13
C SER A 264 -20.13 3.82 -6.95
N ARG A 265 -18.82 3.67 -6.85
CA ARG A 265 -18.22 3.00 -5.69
C ARG A 265 -18.36 3.83 -4.44
N LEU A 266 -18.54 3.16 -3.30
CA LEU A 266 -18.48 3.84 -2.02
C LEU A 266 -17.07 4.42 -1.89
N GLY A 267 -17.00 5.70 -1.56
CA GLY A 267 -15.72 6.38 -1.50
C GLY A 267 -15.42 7.22 -2.74
N ALA A 268 -16.15 6.98 -3.83
CA ALA A 268 -15.85 7.69 -5.08
C ALA A 268 -16.47 9.09 -5.11
N GLY A 269 -17.45 9.32 -4.24
CA GLY A 269 -18.14 10.60 -4.19
C GLY A 269 -17.29 11.62 -3.45
N PRO A 270 -17.87 12.81 -3.22
CA PRO A 270 -17.09 13.92 -2.67
C PRO A 270 -16.60 13.71 -1.24
N GLY A 271 -17.23 12.82 -0.48
CA GLY A 271 -16.84 12.58 0.88
C GLY A 271 -15.61 11.69 0.98
N ASP A 272 -15.27 11.07 -0.14
CA ASP A 272 -14.11 10.16 -0.26
C ASP A 272 -14.08 9.16 0.90
N ALA A 273 -13.00 9.16 1.70
CA ALA A 273 -12.86 8.15 2.74
C ALA A 273 -13.99 8.20 3.76
N GLY A 274 -14.55 9.39 3.98
CA GLY A 274 -15.67 9.56 4.87
C GLY A 274 -16.87 8.69 4.52
N GLU A 275 -17.07 8.45 3.23
CA GLU A 275 -18.16 7.58 2.78
C GLU A 275 -17.95 6.14 3.21
N VAL A 276 -16.71 5.69 3.11
CA VAL A 276 -16.37 4.32 3.44
C VAL A 276 -16.40 4.16 4.96
N GLN A 277 -15.87 5.16 5.66
CA GLN A 277 -15.72 5.09 7.11
C GLN A 277 -17.05 5.11 7.84
N ALA A 278 -18.09 5.62 7.16
CA ALA A 278 -19.43 5.65 7.72
C ALA A 278 -20.17 4.32 7.58
N HIS A 279 -19.64 3.39 6.80
CA HIS A 279 -20.34 2.12 6.57
C HIS A 279 -20.48 1.30 7.85
N PRO A 280 -21.62 0.62 8.03
CA PRO A 280 -21.87 -0.23 9.19
C PRO A 280 -20.79 -1.27 9.50
N PHE A 281 -20.03 -1.69 8.50
CA PHE A 281 -18.92 -2.61 8.77
C PHE A 281 -17.91 -2.00 9.77
N PHE A 282 -17.79 -0.67 9.77
CA PHE A 282 -16.84 0.02 10.64
C PHE A 282 -17.51 0.66 11.85
N ARG A 283 -18.70 0.20 12.19
CA ARG A 283 -19.51 0.87 13.21
C ARG A 283 -18.83 0.92 14.58
N HIS A 284 -17.95 -0.02 14.86
CA HIS A 284 -17.33 -0.10 16.19
C HIS A 284 -16.02 0.67 16.28
N ILE A 285 -15.58 1.23 15.15
CA ILE A 285 -14.34 1.99 15.10
C ILE A 285 -14.51 3.39 15.70
N ASN A 286 -13.68 3.72 16.68
CA ASN A 286 -13.51 5.09 17.13
C ASN A 286 -12.38 5.71 16.32
N TRP A 287 -12.70 6.59 15.36
CA TRP A 287 -11.70 7.04 14.39
C TRP A 287 -10.62 7.91 15.02
N GLU A 288 -10.97 8.65 16.06
CA GLU A 288 -10.00 9.47 16.76
C GLU A 288 -8.98 8.60 17.50
N GLU A 289 -9.45 7.54 18.15
CA GLU A 289 -8.54 6.62 18.84
C GLU A 289 -7.69 5.83 17.85
N LEU A 290 -8.29 5.45 16.73
CA LEU A 290 -7.58 4.70 15.71
C LEU A 290 -6.40 5.52 15.17
N LEU A 291 -6.68 6.77 14.82
CA LEU A 291 -5.66 7.65 14.28
C LEU A 291 -4.54 7.88 15.29
N ALA A 292 -4.90 7.94 16.57
CA ALA A 292 -3.92 8.15 17.64
C ALA A 292 -3.19 6.86 18.00
N ARG A 293 -3.50 5.80 17.25
CA ARG A 293 -2.91 4.49 17.47
C ARG A 293 -3.11 4.02 18.91
N LYS A 294 -4.32 4.27 19.43
CA LYS A 294 -4.70 3.85 20.78
C LYS A 294 -5.55 2.59 20.73
N VAL A 295 -5.75 2.06 19.53
CA VAL A 295 -6.47 0.81 19.37
C VAL A 295 -5.47 -0.34 19.29
N GLU A 296 -5.69 -1.39 20.07
CA GLU A 296 -4.75 -2.51 20.14
C GLU A 296 -4.75 -3.32 18.84
N PRO A 297 -3.59 -3.40 18.17
CA PRO A 297 -3.56 -4.16 16.91
C PRO A 297 -3.73 -5.66 17.15
N PRO A 298 -4.32 -6.37 16.18
CA PRO A 298 -4.54 -7.80 16.34
C PRO A 298 -3.23 -8.55 16.45
N PHE A 299 -2.18 -8.00 15.88
CA PHE A 299 -0.89 -8.68 15.89
C PHE A 299 0.25 -7.72 16.22
N LYS A 300 1.11 -8.13 17.15
CA LYS A 300 2.20 -7.31 17.66
C LYS A 300 3.54 -7.95 17.33
N PRO A 301 4.16 -7.51 16.22
CA PRO A 301 5.38 -8.13 15.69
C PRO A 301 6.47 -8.35 16.75
N LEU A 302 6.62 -7.40 17.67
CA LEU A 302 7.67 -7.48 18.68
C LEU A 302 7.42 -8.64 19.66
N LEU A 303 6.16 -9.00 19.83
CA LEU A 303 5.78 -10.08 20.75
C LEU A 303 5.66 -11.43 20.05
N GLN A 304 5.58 -11.42 18.72
CA GLN A 304 5.45 -12.63 17.92
C GLN A 304 6.67 -12.83 17.03
#